data_6BR6
#
_entry.id   6BR6
#
_cell.length_a   108.457
_cell.length_b   108.457
_cell.length_c   70.204
_cell.angle_alpha   90.000
_cell.angle_beta   90.000
_cell.angle_gamma   90.000
#
_symmetry.space_group_name_H-M   'P 4 21 2'
#
loop_
_entity.id
_entity.type
_entity.pdbx_description
1 polymer Neuraminidase
2 branched alpha-D-mannopyranose-(1-2)-alpha-D-mannopyranose-(1-2)-alpha-D-mannopyranose-(1-3)-beta-D-mannopyranose-(1-4)-2-acetamido-2-deoxy-beta-D-glucopyranose-(1-4)-2-acetamido-2-deoxy-beta-D-glucopyranose
3 non-polymer 2-acetamido-2-deoxy-beta-D-glucopyranose
4 non-polymer 'NICKEL (II) ION'
5 non-polymer 'CALCIUM ION'
6 non-polymer GLYCEROL
7 non-polymer (1R)-4-acetamido-3-amino-1,5-anhydro-2,3,4-trideoxy-1-sulfo-D-glycero-D-galacto-octitol
8 water water
#
_entity_poly.entity_id   1
_entity_poly.type   'polypeptide(L)'
_entity_poly.pdbx_seq_one_letter_code
;EYRNWSKPQCDITGFAPFSKDNSIRLSAGGDIWVTREPYVSCDPDKCYQFALGQGTTLNNVHSNNTVRDRTPYRTLLMNE
LGVPFHLGTKQVCIAWSSSSCHDGKAWLHVCITGDDKNATASFIYNGRLVDSVVSWSKEILRTQESECVCINGTCTVVMT
DGSASGKADTKILFIEEGKIVHTSTLSGSAQHVEECSCYPRYPGVRCVCRDNWKGSNRPIVDINIKDHSIVSSYVCSGLV
GDTPRKNDSSSSSHCLDPNNEEGGHGVKGWAFDDGNDVWMGRTISEKSRLGYETFKVIEGWSNPKSKLQINRQVIVDRGN
RSGYSGIFSVEGKSCINRCFYVELIRGRKEETEVLWTSNSIVVFCGTSGTYGTGSWPDGADINLMPI
;
_entity_poly.pdbx_strand_id   A
#
loop_
_chem_comp.id
_chem_comp.type
_chem_comp.name
_chem_comp.formula
BMA D-saccharide, beta linking beta-D-mannopyranose 'C6 H12 O6'
CA non-polymer 'CALCIUM ION' 'Ca 2'
E3M D-saccharide (1R)-4-acetamido-3-amino-1,5-anhydro-2,3,4-trideoxy-1-sulfo-D-glycero-D-galacto-octitol 'C10 H20 N2 O8 S'
GOL non-polymer GLYCEROL 'C3 H8 O3'
MAN D-saccharide, alpha linking alpha-D-mannopyranose 'C6 H12 O6'
NAG D-saccharide, beta linking 2-acetamido-2-deoxy-beta-D-glucopyranose 'C8 H15 N O6'
NI non-polymer 'NICKEL (II) ION' 'Ni 2'
#
# COMPACT_ATOMS: atom_id res chain seq x y z
N GLU A 1 6.97 -25.16 7.74
CA GLU A 1 7.27 -23.84 8.28
C GLU A 1 6.91 -22.70 7.33
N TYR A 2 6.89 -22.97 6.02
CA TYR A 2 6.40 -21.93 5.10
C TYR A 2 4.95 -21.59 5.42
N ARG A 3 4.61 -20.31 5.37
CA ARG A 3 3.22 -19.89 5.41
C ARG A 3 2.46 -20.39 4.19
N ASN A 4 1.27 -20.93 4.44
CA ASN A 4 0.36 -21.26 3.35
C ASN A 4 -0.95 -20.47 3.39
N TRP A 5 -1.27 -19.83 4.51
CA TRP A 5 -2.47 -19.01 4.64
C TRP A 5 -3.74 -19.80 4.32
N SER A 6 -3.76 -21.10 4.60
CA SER A 6 -4.90 -21.94 4.25
C SER A 6 -5.91 -21.99 5.40
N LYS A 7 -6.40 -20.82 5.77
CA LYS A 7 -7.51 -20.68 6.71
C LYS A 7 -8.50 -19.69 6.10
N PRO A 8 -9.77 -19.78 6.47
CA PRO A 8 -10.75 -18.87 5.90
C PRO A 8 -10.49 -17.45 6.39
N GLN A 9 -10.97 -16.48 5.63
CA GLN A 9 -10.91 -15.10 6.10
C GLN A 9 -11.71 -14.94 7.39
N CYS A 10 -11.24 -14.09 8.29
CA CYS A 10 -11.98 -13.87 9.53
C CYS A 10 -13.31 -13.16 9.27
N ASP A 11 -14.25 -13.36 10.19
CA ASP A 11 -15.45 -12.52 10.17
C ASP A 11 -15.06 -11.10 10.51
N ILE A 12 -15.59 -10.15 9.75
CA ILE A 12 -15.20 -8.75 9.91
C ILE A 12 -16.48 -7.93 10.01
N THR A 13 -16.60 -7.17 11.10
CA THR A 13 -17.71 -6.23 11.29
C THR A 13 -17.26 -4.80 11.11
N GLY A 14 -15.97 -4.59 10.90
CA GLY A 14 -15.34 -3.30 10.95
C GLY A 14 -13.89 -3.50 11.37
N PHE A 15 -13.27 -2.39 11.78
CA PHE A 15 -11.86 -2.39 12.15
C PHE A 15 -11.67 -1.71 13.50
N ALA A 16 -10.75 -2.26 14.32
CA ALA A 16 -10.41 -1.64 15.60
C ALA A 16 -9.00 -1.06 15.58
N PRO A 17 -8.76 -0.04 16.39
CA PRO A 17 -7.42 0.58 16.46
C PRO A 17 -6.35 -0.45 16.80
N PHE A 18 -5.20 -0.33 16.14
CA PHE A 18 -4.10 -1.27 16.30
C PHE A 18 -2.79 -0.55 16.64
N SER A 19 -2.44 0.49 15.91
CA SER A 19 -1.15 1.11 16.16
C SER A 19 -1.13 2.52 15.60
N LYS A 20 -0.24 3.34 16.16
CA LYS A 20 0.01 4.70 15.71
C LYS A 20 1.41 5.07 16.17
N ASP A 21 2.18 5.76 15.33
CA ASP A 21 3.56 6.02 15.72
C ASP A 21 3.86 7.49 16.00
N ASN A 22 2.99 8.42 15.64
CA ASN A 22 3.16 9.83 16.03
C ASN A 22 4.51 10.41 15.58
N SER A 23 5.05 9.94 14.45
CA SER A 23 6.45 10.24 14.15
C SER A 23 6.68 11.73 13.91
N ILE A 24 5.71 12.47 13.36
CA ILE A 24 5.97 13.89 13.09
C ILE A 24 6.00 14.69 14.39
N ARG A 25 5.04 14.46 15.29
CA ARG A 25 5.08 15.10 16.60
C ARG A 25 6.40 14.81 17.31
N LEU A 26 6.85 13.56 17.24
CA LEU A 26 8.14 13.20 17.84
C LEU A 26 9.29 13.92 17.16
N SER A 27 9.19 14.10 15.84
CA SER A 27 10.25 14.75 15.06
C SER A 27 10.63 16.13 15.58
N ALA A 28 9.70 16.81 16.26
CA ALA A 28 9.94 18.16 16.75
C ALA A 28 10.77 18.19 18.02
N GLY A 29 11.08 17.04 18.59
CA GLY A 29 11.86 16.98 19.80
C GLY A 29 12.58 15.66 19.86
N GLY A 30 13.36 15.39 18.82
CA GLY A 30 14.03 14.12 18.63
C GLY A 30 14.44 13.96 17.18
N ASP A 31 15.38 13.05 16.97
CA ASP A 31 15.93 12.81 15.63
C ASP A 31 15.13 11.67 14.98
N ILE A 32 14.26 12.03 14.04
CA ILE A 32 13.37 11.06 13.40
C ILE A 32 13.57 11.12 11.89
N TRP A 33 13.55 9.96 11.25
CA TRP A 33 13.72 9.88 9.81
C TRP A 33 12.59 10.59 9.07
N VAL A 34 12.95 11.25 7.98
CA VAL A 34 11.94 11.67 7.00
C VAL A 34 11.57 10.46 6.16
N THR A 35 10.27 10.23 5.96
CA THR A 35 9.83 9.05 5.21
C THR A 35 8.69 9.41 4.26
N ARG A 36 8.36 8.45 3.39
CA ARG A 36 7.04 8.38 2.77
C ARG A 36 6.83 6.96 2.30
N GLU A 37 5.66 6.69 1.73
CA GLU A 37 5.28 5.36 1.26
C GLU A 37 5.52 4.29 2.34
N PRO A 38 4.92 4.43 3.52
CA PRO A 38 5.11 3.43 4.57
C PRO A 38 4.21 2.22 4.33
N TYR A 39 4.49 1.15 5.05
CA TYR A 39 3.58 0.01 5.05
C TYR A 39 3.87 -0.87 6.26
N VAL A 40 3.07 -1.93 6.39
CA VAL A 40 3.18 -2.84 7.51
C VAL A 40 3.21 -4.27 6.98
N SER A 41 4.02 -5.12 7.61
CA SER A 41 4.06 -6.54 7.27
C SER A 41 4.54 -7.28 8.52
N CYS A 42 4.02 -8.47 8.73
CA CYS A 42 4.26 -9.21 9.95
C CYS A 42 4.90 -10.56 9.65
N ASP A 43 5.91 -10.93 10.42
CA ASP A 43 6.38 -12.32 10.40
C ASP A 43 5.40 -13.12 11.27
N PRO A 44 5.60 -14.43 11.40
CA PRO A 44 4.62 -15.23 12.15
C PRO A 44 4.47 -14.81 13.61
N ASP A 45 5.39 -14.01 14.15
CA ASP A 45 5.32 -13.59 15.55
C ASP A 45 4.82 -12.16 15.73
N LYS A 46 5.41 -11.21 14.99
CA LYS A 46 5.15 -9.80 15.25
C LYS A 46 5.14 -9.02 13.95
N CYS A 47 4.56 -7.83 14.02
CA CYS A 47 4.44 -6.93 12.88
C CYS A 47 5.56 -5.90 12.88
N TYR A 48 5.87 -5.41 11.69
CA TYR A 48 6.92 -4.41 11.48
C TYR A 48 6.35 -3.29 10.64
N GLN A 49 6.77 -2.07 10.94
CA GLN A 49 6.49 -0.95 10.04
C GLN A 49 7.71 -0.71 9.16
N PHE A 50 7.44 -0.44 7.89
CA PHE A 50 8.41 -0.12 6.87
C PHE A 50 8.12 1.28 6.34
N ALA A 51 9.15 1.91 5.78
CA ALA A 51 8.93 3.14 5.03
C ALA A 51 10.16 3.40 4.15
N LEU A 52 9.97 4.24 3.15
CA LEU A 52 11.08 4.72 2.31
C LEU A 52 11.66 5.95 2.99
N GLY A 53 12.81 5.79 3.64
CA GLY A 53 13.52 6.95 4.16
C GLY A 53 13.97 7.87 3.04
N GLN A 54 14.30 9.09 3.43
CA GLN A 54 14.88 10.06 2.50
C GLN A 54 16.34 10.34 2.82
N GLY A 55 17.00 9.42 3.50
CA GLY A 55 18.40 9.61 3.81
C GLY A 55 18.65 10.79 4.72
N THR A 56 17.70 11.14 5.59
CA THR A 56 17.85 12.29 6.45
C THR A 56 16.83 12.20 7.56
N THR A 57 17.11 12.90 8.67
CA THR A 57 16.14 13.12 9.72
C THR A 57 15.40 14.42 9.42
N LEU A 58 14.32 14.65 10.16
CA LEU A 58 13.47 15.78 9.83
C LEU A 58 14.12 17.09 10.23
N ASN A 59 14.67 17.15 11.45
CA ASN A 59 15.30 18.37 11.96
C ASN A 59 16.77 18.27 11.56
N ASN A 60 17.06 18.81 10.37
CA ASN A 60 18.28 18.47 9.63
C ASN A 60 18.24 19.25 8.32
N VAL A 61 19.34 19.90 7.93
CA VAL A 61 19.36 20.67 6.69
C VAL A 61 18.98 19.81 5.49
N HIS A 62 19.24 18.51 5.54
CA HIS A 62 18.95 17.67 4.39
C HIS A 62 17.47 17.33 4.23
N SER A 63 16.60 17.79 5.14
CA SER A 63 15.18 17.54 4.92
C SER A 63 14.56 18.51 3.89
N ASN A 64 15.27 19.55 3.49
CA ASN A 64 14.77 20.44 2.44
C ASN A 64 14.47 19.67 1.16
N ASN A 65 13.31 19.95 0.58
CA ASN A 65 12.93 19.44 -0.74
C ASN A 65 12.82 17.91 -0.77
N THR A 66 12.42 17.31 0.34
CA THR A 66 12.14 15.88 0.37
C THR A 66 10.80 15.52 -0.26
N VAL A 67 10.14 16.47 -0.92
CA VAL A 67 9.01 16.10 -1.75
C VAL A 67 9.45 15.27 -2.96
N ARG A 68 10.74 15.24 -3.26
CA ARG A 68 11.25 14.47 -4.39
C ARG A 68 11.13 12.97 -4.15
N ASP A 69 10.65 12.24 -5.17
CA ASP A 69 10.30 10.83 -5.04
C ASP A 69 11.50 9.90 -5.09
N ARG A 70 12.48 10.20 -5.94
CA ARG A 70 13.54 9.23 -6.28
C ARG A 70 14.89 9.91 -6.14
N THR A 71 15.67 9.43 -5.19
CA THR A 71 17.06 9.84 -5.03
C THR A 71 17.87 8.60 -4.68
N PRO A 72 19.19 8.66 -4.85
CA PRO A 72 20.03 7.53 -4.43
C PRO A 72 20.19 7.42 -2.92
N TYR A 73 19.59 8.33 -2.13
CA TYR A 73 19.70 8.26 -0.68
C TYR A 73 18.51 7.57 -0.03
N ARG A 74 17.46 7.28 -0.79
CA ARG A 74 16.32 6.59 -0.21
C ARG A 74 16.65 5.13 0.02
N THR A 75 16.27 4.64 1.20
CA THR A 75 16.47 3.26 1.61
C THR A 75 15.21 2.79 2.32
N LEU A 76 15.03 1.48 2.39
CA LEU A 76 13.85 0.91 3.05
C LEU A 76 14.11 0.77 4.55
N LEU A 77 13.27 1.42 5.36
CA LEU A 77 13.38 1.32 6.82
C LEU A 77 12.50 0.20 7.36
N MET A 78 12.94 -0.41 8.46
CA MET A 78 12.21 -1.52 9.06
C MET A 78 12.40 -1.51 10.58
N ASN A 79 11.31 -1.29 11.32
CA ASN A 79 11.25 -1.44 12.78
C ASN A 79 10.07 -2.30 13.16
N GLU A 80 10.10 -2.83 14.38
CA GLU A 80 8.87 -3.42 14.92
C GLU A 80 7.78 -2.36 14.93
N LEU A 81 6.56 -2.81 14.67
CA LEU A 81 5.45 -1.86 14.57
C LEU A 81 5.32 -1.09 15.87
N GLY A 82 5.17 0.23 15.78
CA GLY A 82 5.04 1.07 16.95
C GLY A 82 6.34 1.67 17.46
N VAL A 83 7.45 1.18 16.95
CA VAL A 83 8.72 1.78 17.23
C VAL A 83 8.92 2.80 16.12
N PRO A 84 9.01 4.06 16.46
CA PRO A 84 9.21 5.07 15.46
C PRO A 84 10.58 5.03 14.77
N PHE A 85 10.72 5.64 13.63
CA PHE A 85 11.98 5.62 12.90
C PHE A 85 13.09 6.51 13.48
N HIS A 86 13.65 6.08 14.58
CA HIS A 86 14.75 6.77 15.23
C HIS A 86 16.07 6.37 14.56
N LEU A 87 17.18 6.95 15.04
CA LEU A 87 18.45 6.78 14.34
C LEU A 87 19.04 5.38 14.46
N GLY A 88 18.46 4.52 15.31
CA GLY A 88 18.83 3.13 15.37
C GLY A 88 18.10 2.25 14.39
N THR A 89 17.29 2.84 13.53
CA THR A 89 16.50 2.08 12.59
C THR A 89 17.38 1.44 11.53
N LYS A 90 17.10 0.18 11.19
CA LYS A 90 17.85 -0.48 10.13
C LYS A 90 17.32 -0.09 8.75
N GLN A 91 18.24 0.29 7.87
CA GLN A 91 17.97 0.45 6.45
C GLN A 91 18.27 -0.89 5.79
N VAL A 92 17.24 -1.60 5.36
CA VAL A 92 17.42 -2.97 4.90
C VAL A 92 17.85 -3.07 3.45
N CYS A 93 17.73 -2.00 2.66
CA CYS A 93 18.20 -2.01 1.28
C CYS A 93 18.07 -0.61 0.71
N ILE A 94 18.68 -0.40 -0.45
CA ILE A 94 18.58 0.86 -1.17
C ILE A 94 17.30 0.85 -1.99
N ALA A 95 16.45 1.85 -1.81
CA ALA A 95 15.19 1.77 -2.54
C ALA A 95 14.46 3.09 -2.55
N TRP A 96 13.94 3.46 -3.73
CA TRP A 96 12.88 4.46 -3.81
C TRP A 96 11.54 3.83 -4.21
N SER A 97 11.45 2.49 -4.21
CA SER A 97 10.20 1.76 -4.38
C SER A 97 10.45 0.35 -3.86
N SER A 98 9.51 -0.19 -3.08
CA SER A 98 9.78 -1.44 -2.38
C SER A 98 8.50 -2.25 -2.16
N SER A 99 8.73 -3.52 -1.84
CA SER A 99 7.74 -4.45 -1.29
C SER A 99 8.51 -5.44 -0.41
N SER A 100 7.93 -5.86 0.71
CA SER A 100 8.55 -6.87 1.57
C SER A 100 7.51 -7.86 2.04
N CYS A 101 7.96 -9.09 2.35
CA CYS A 101 7.04 -10.09 2.90
C CYS A 101 7.87 -11.23 3.48
N HIS A 102 7.25 -11.97 4.40
CA HIS A 102 7.89 -13.07 5.11
C HIS A 102 7.19 -14.35 4.68
N ASP A 103 7.97 -15.36 4.31
CA ASP A 103 7.38 -16.58 3.78
C ASP A 103 7.18 -17.65 4.85
N GLY A 104 7.37 -17.28 6.12
CA GLY A 104 7.33 -18.21 7.21
C GLY A 104 8.70 -18.59 7.74
N LYS A 105 9.72 -18.55 6.89
CA LYS A 105 11.10 -18.78 7.30
C LYS A 105 11.93 -17.52 7.32
N ALA A 106 11.79 -16.63 6.34
CA ALA A 106 12.68 -15.47 6.27
C ALA A 106 11.99 -14.33 5.53
N TRP A 107 12.57 -13.15 5.65
CA TRP A 107 12.10 -11.96 4.95
C TRP A 107 12.60 -11.93 3.51
N LEU A 108 11.71 -11.56 2.59
CA LEU A 108 12.06 -11.10 1.24
C LEU A 108 11.91 -9.58 1.18
N HIS A 109 12.88 -8.90 0.58
CA HIS A 109 12.76 -7.47 0.28
C HIS A 109 12.99 -7.27 -1.19
N VAL A 110 12.05 -6.58 -1.85
CA VAL A 110 12.18 -6.18 -3.25
C VAL A 110 12.46 -4.68 -3.24
N CYS A 111 13.61 -4.28 -3.77
CA CYS A 111 14.10 -2.91 -3.62
C CYS A 111 14.53 -2.36 -4.95
N ILE A 112 13.97 -1.22 -5.34
CA ILE A 112 14.23 -0.62 -6.64
C ILE A 112 14.98 0.69 -6.44
N THR A 113 16.12 0.84 -7.10
CA THR A 113 16.85 2.09 -7.03
C THR A 113 17.56 2.32 -8.36
N GLY A 114 18.12 3.51 -8.51
CA GLY A 114 18.92 3.84 -9.68
C GLY A 114 18.24 4.83 -10.61
N ASP A 115 18.77 4.90 -11.83
CA ASP A 115 18.30 5.85 -12.82
C ASP A 115 16.83 5.62 -13.17
N ASP A 116 16.12 6.74 -13.38
CA ASP A 116 14.72 6.67 -13.80
C ASP A 116 14.54 5.76 -15.01
N LYS A 117 15.44 5.87 -15.99
CA LYS A 117 15.28 5.15 -17.25
C LYS A 117 16.02 3.82 -17.28
N ASN A 118 16.61 3.42 -16.15
CA ASN A 118 17.40 2.19 -16.14
C ASN A 118 17.61 1.73 -14.70
N ALA A 119 16.50 1.53 -13.98
CA ALA A 119 16.51 1.14 -12.58
C ALA A 119 16.80 -0.36 -12.42
N THR A 120 17.20 -0.71 -11.21
CA THR A 120 17.51 -2.08 -10.79
C THR A 120 16.60 -2.44 -9.63
N ALA A 121 16.08 -3.66 -9.68
CA ALA A 121 15.34 -4.24 -8.56
C ALA A 121 16.20 -5.36 -7.97
N SER A 122 16.63 -5.19 -6.72
CA SER A 122 17.35 -6.23 -5.99
C SER A 122 16.38 -7.07 -5.17
N PHE A 123 16.62 -8.36 -5.14
CA PHE A 123 15.80 -9.29 -4.35
C PHE A 123 16.67 -9.85 -3.22
N ILE A 124 16.31 -9.54 -1.99
CA ILE A 124 17.11 -9.84 -0.80
C ILE A 124 16.28 -10.75 0.09
N TYR A 125 16.79 -11.95 0.33
CA TYR A 125 16.07 -12.98 1.08
C TYR A 125 16.97 -13.50 2.19
N ASN A 126 16.41 -13.62 3.39
CA ASN A 126 17.16 -14.16 4.52
C ASN A 126 18.51 -13.49 4.62
N GLY A 127 18.50 -12.17 4.50
CA GLY A 127 19.65 -11.33 4.77
C GLY A 127 20.72 -11.28 3.68
N ARG A 128 20.43 -11.77 2.47
CA ARG A 128 21.45 -11.76 1.43
C ARG A 128 20.80 -11.57 0.06
N LEU A 129 21.57 -10.93 -0.83
CA LEU A 129 21.09 -10.67 -2.19
C LEU A 129 21.06 -11.97 -2.99
N VAL A 130 19.89 -12.31 -3.54
CA VAL A 130 19.73 -13.55 -4.28
C VAL A 130 19.49 -13.29 -5.76
N ASP A 131 18.92 -12.16 -6.14
CA ASP A 131 18.61 -11.93 -7.55
C ASP A 131 18.49 -10.44 -7.81
N SER A 132 18.43 -10.10 -9.10
CA SER A 132 18.15 -8.72 -9.49
C SER A 132 17.56 -8.74 -10.89
N VAL A 133 16.77 -7.71 -11.21
CA VAL A 133 16.32 -7.53 -12.59
C VAL A 133 16.38 -6.06 -12.95
N VAL A 134 16.66 -5.78 -14.25
CA VAL A 134 16.71 -4.42 -14.77
C VAL A 134 15.32 -4.00 -15.24
N SER A 135 15.05 -2.70 -15.15
CA SER A 135 13.94 -2.09 -15.87
C SER A 135 13.81 -2.68 -17.27
N TRP A 136 12.61 -3.17 -17.58
CA TRP A 136 12.35 -3.70 -18.92
C TRP A 136 11.78 -2.68 -19.89
N SER A 137 11.19 -1.58 -19.41
CA SER A 137 10.67 -0.59 -20.34
C SER A 137 11.34 0.77 -20.17
N LYS A 138 12.36 0.86 -19.32
CA LYS A 138 13.18 2.07 -19.21
C LYS A 138 12.38 3.30 -18.76
N GLU A 139 11.33 3.11 -17.95
CA GLU A 139 10.50 4.25 -17.59
C GLU A 139 10.00 4.03 -16.17
N ILE A 140 10.93 4.13 -15.22
CA ILE A 140 10.66 4.12 -13.79
C ILE A 140 10.04 2.78 -13.36
N LEU A 141 10.83 1.72 -13.38
CA LEU A 141 10.43 0.48 -12.73
C LEU A 141 9.99 0.77 -11.30
N ARG A 142 8.84 0.25 -10.91
CA ARG A 142 8.25 0.55 -9.61
C ARG A 142 7.40 -0.63 -9.17
N THR A 143 7.12 -0.69 -7.86
CA THR A 143 6.35 -1.82 -7.34
C THR A 143 5.30 -1.41 -6.32
N GLN A 144 4.97 -2.30 -5.36
CA GLN A 144 3.70 -2.23 -4.62
C GLN A 144 3.68 -1.15 -3.53
N GLU A 145 4.79 -0.95 -2.80
CA GLU A 145 4.83 -0.10 -1.61
C GLU A 145 3.97 -0.65 -0.48
N SER A 146 3.79 -1.97 -0.46
CA SER A 146 3.10 -2.66 0.64
C SER A 146 3.52 -4.12 0.55
N GLU A 147 3.03 -4.95 1.45
CA GLU A 147 3.59 -6.29 1.58
C GLU A 147 3.29 -7.14 0.36
N CYS A 148 4.27 -7.93 -0.06
CA CYS A 148 4.00 -9.02 -0.99
C CYS A 148 3.39 -10.19 -0.21
N VAL A 149 3.16 -11.30 -0.89
CA VAL A 149 2.45 -12.44 -0.32
C VAL A 149 3.15 -13.71 -0.76
N CYS A 150 3.39 -14.61 0.19
CA CYS A 150 4.05 -15.88 -0.06
C CYS A 150 3.13 -17.03 0.30
N ILE A 151 3.07 -18.04 -0.57
CA ILE A 151 2.34 -19.27 -0.29
C ILE A 151 3.26 -20.45 -0.56
N ASN A 152 3.37 -21.35 0.40
CA ASN A 152 4.17 -22.56 0.28
C ASN A 152 5.56 -22.28 -0.27
N GLY A 153 6.17 -21.17 0.18
CA GLY A 153 7.53 -20.84 -0.22
C GLY A 153 7.66 -20.04 -1.50
N THR A 154 6.57 -19.85 -2.25
CA THR A 154 6.58 -19.03 -3.45
C THR A 154 5.95 -17.68 -3.14
N CYS A 155 6.74 -16.62 -3.28
CA CYS A 155 6.26 -15.27 -3.03
C CYS A 155 5.95 -14.59 -4.35
N THR A 156 4.99 -13.68 -4.32
CA THR A 156 4.58 -13.00 -5.54
C THR A 156 4.63 -11.50 -5.30
N VAL A 157 4.99 -10.76 -6.33
CA VAL A 157 5.10 -9.31 -6.25
C VAL A 157 4.75 -8.73 -7.63
N VAL A 158 3.97 -7.65 -7.63
CA VAL A 158 3.51 -6.98 -8.84
C VAL A 158 4.41 -5.78 -9.10
N MET A 159 4.89 -5.65 -10.34
CA MET A 159 5.81 -4.57 -10.71
C MET A 159 5.41 -3.98 -12.04
N THR A 160 5.50 -2.65 -12.14
CA THR A 160 5.14 -1.94 -13.35
C THR A 160 6.32 -1.11 -13.84
N ASP A 161 6.42 -0.98 -15.16
CA ASP A 161 7.43 -0.18 -15.83
C ASP A 161 6.75 0.49 -17.02
N GLY A 162 7.01 1.78 -17.20
CA GLY A 162 6.38 2.49 -18.30
C GLY A 162 5.48 3.63 -17.87
N SER A 163 4.61 4.04 -18.78
CA SER A 163 3.88 5.30 -18.64
C SER A 163 3.00 5.29 -17.40
N ALA A 164 2.91 6.45 -16.75
CA ALA A 164 2.00 6.68 -15.65
C ALA A 164 0.67 7.23 -16.13
N SER A 165 0.57 7.56 -17.41
CA SER A 165 -0.65 8.11 -17.98
C SER A 165 -0.88 7.48 -19.36
N GLY A 166 -0.76 6.16 -19.42
CA GLY A 166 -0.97 5.43 -20.65
C GLY A 166 -0.64 3.98 -20.39
N LYS A 167 -0.87 3.17 -21.41
CA LYS A 167 -0.43 1.77 -21.36
C LYS A 167 0.99 1.65 -20.82
N ALA A 168 1.17 0.77 -19.84
CA ALA A 168 2.48 0.45 -19.26
C ALA A 168 2.64 -1.06 -19.24
N ASP A 169 3.82 -1.53 -18.82
CA ASP A 169 4.16 -2.96 -18.84
C ASP A 169 4.25 -3.47 -17.40
N THR A 170 3.20 -4.15 -16.96
CA THR A 170 3.11 -4.71 -15.63
C THR A 170 3.43 -6.21 -15.68
N LYS A 171 4.15 -6.68 -14.66
CA LYS A 171 4.59 -8.07 -14.60
C LYS A 171 4.40 -8.56 -13.19
N ILE A 172 4.09 -9.84 -13.06
CA ILE A 172 3.97 -10.49 -11.75
C ILE A 172 5.12 -11.47 -11.63
N LEU A 173 6.01 -11.21 -10.69
CA LEU A 173 7.20 -12.02 -10.47
C LEU A 173 6.94 -13.05 -9.38
N PHE A 174 7.41 -14.26 -9.61
CA PHE A 174 7.32 -15.36 -8.65
C PHE A 174 8.71 -15.65 -8.11
N ILE A 175 8.86 -15.58 -6.79
CA ILE A 175 10.17 -15.56 -6.15
C ILE A 175 10.21 -16.63 -5.07
N GLU A 176 11.19 -17.52 -5.15
CA GLU A 176 11.35 -18.62 -4.21
C GLU A 176 12.72 -18.50 -3.54
N GLU A 177 12.71 -18.25 -2.24
CA GLU A 177 13.95 -18.03 -1.48
C GLU A 177 14.78 -16.92 -2.11
N GLY A 178 14.11 -15.91 -2.66
CA GLY A 178 14.77 -14.78 -3.26
C GLY A 178 15.11 -14.92 -4.73
N LYS A 179 14.99 -16.10 -5.32
CA LYS A 179 15.27 -16.29 -6.75
C LYS A 179 14.01 -16.11 -7.58
N ILE A 180 14.08 -15.26 -8.59
CA ILE A 180 12.98 -15.14 -9.54
C ILE A 180 12.88 -16.46 -10.29
N VAL A 181 11.83 -17.23 -10.03
CA VAL A 181 11.66 -18.48 -10.75
C VAL A 181 10.67 -18.37 -11.91
N HIS A 182 9.85 -17.32 -11.94
CA HIS A 182 8.97 -17.16 -13.09
C HIS A 182 8.43 -15.74 -13.10
N THR A 183 8.07 -15.29 -14.30
CA THR A 183 7.52 -13.97 -14.50
C THR A 183 6.32 -14.09 -15.44
N SER A 184 5.24 -13.43 -15.09
CA SER A 184 4.04 -13.38 -15.92
C SER A 184 3.72 -11.94 -16.24
N THR A 185 3.18 -11.72 -17.42
CA THR A 185 2.73 -10.40 -17.82
C THR A 185 1.32 -10.17 -17.35
N LEU A 186 1.02 -8.93 -16.97
CA LEU A 186 -0.36 -8.57 -16.68
C LEU A 186 -1.25 -8.93 -17.87
N SER A 187 -2.35 -9.62 -17.58
CA SER A 187 -3.31 -10.03 -18.57
C SER A 187 -4.71 -9.78 -18.02
N GLY A 188 -5.68 -9.64 -18.92
CA GLY A 188 -7.04 -9.44 -18.46
C GLY A 188 -7.55 -8.03 -18.72
N SER A 189 -8.41 -7.53 -17.83
CA SER A 189 -9.18 -6.33 -18.13
C SER A 189 -8.65 -5.05 -17.48
N ALA A 190 -7.79 -5.16 -16.48
CA ALA A 190 -7.18 -3.97 -15.89
C ALA A 190 -6.28 -3.29 -16.92
N GLN A 191 -6.49 -1.99 -17.11
CA GLN A 191 -5.78 -1.29 -18.17
C GLN A 191 -4.59 -0.49 -17.69
N HIS A 192 -4.49 -0.23 -16.39
CA HIS A 192 -3.31 0.40 -15.81
C HIS A 192 -3.22 -0.05 -14.36
N VAL A 193 -2.03 -0.46 -13.94
CA VAL A 193 -1.89 -1.10 -12.63
C VAL A 193 -0.62 -0.59 -11.95
N GLU A 194 -0.77 -0.03 -10.76
CA GLU A 194 0.32 0.44 -9.93
C GLU A 194 0.00 0.15 -8.47
N GLU A 195 1.05 0.06 -7.68
CA GLU A 195 0.97 0.13 -6.22
C GLU A 195 -0.12 -0.81 -5.67
N CYS A 196 0.03 -2.08 -6.03
CA CYS A 196 -0.97 -3.08 -5.66
C CYS A 196 -0.92 -3.40 -4.18
N SER A 197 -2.11 -3.50 -3.58
CA SER A 197 -2.29 -3.97 -2.22
C SER A 197 -2.79 -5.41 -2.32
N CYS A 198 -1.94 -6.35 -1.96
CA CYS A 198 -2.20 -7.76 -2.24
C CYS A 198 -2.41 -8.51 -0.93
N TYR A 199 -3.22 -9.56 -1.01
CA TYR A 199 -3.49 -10.34 0.17
C TYR A 199 -3.64 -11.81 -0.19
N PRO A 200 -3.30 -12.71 0.73
CA PRO A 200 -3.53 -14.14 0.49
C PRO A 200 -5.01 -14.46 0.46
N ARG A 201 -5.42 -15.22 -0.58
CA ARG A 201 -6.79 -15.72 -0.73
C ARG A 201 -6.65 -17.16 -1.21
N TYR A 202 -6.33 -18.03 -0.27
CA TYR A 202 -5.92 -19.39 -0.60
C TYR A 202 -6.91 -20.00 -1.58
N PRO A 203 -6.44 -20.68 -2.65
CA PRO A 203 -5.04 -21.00 -2.97
C PRO A 203 -4.25 -19.95 -3.75
N GLY A 204 -4.72 -18.70 -3.84
CA GLY A 204 -3.99 -17.73 -4.62
C GLY A 204 -3.75 -16.42 -3.89
N VAL A 205 -3.35 -15.42 -4.66
CA VAL A 205 -3.08 -14.07 -4.17
C VAL A 205 -3.97 -13.11 -4.94
N ARG A 206 -4.60 -12.17 -4.24
CA ARG A 206 -5.49 -11.19 -4.83
C ARG A 206 -5.03 -9.79 -4.47
N CYS A 207 -5.07 -8.88 -5.44
CA CYS A 207 -4.53 -7.54 -5.26
C CYS A 207 -5.56 -6.52 -5.69
N VAL A 208 -5.59 -5.40 -5.00
CA VAL A 208 -6.40 -4.26 -5.41
C VAL A 208 -5.46 -3.08 -5.53
N CYS A 209 -5.51 -2.38 -6.65
CA CYS A 209 -4.37 -1.59 -7.08
C CYS A 209 -4.80 -0.17 -7.40
N ARG A 210 -3.94 0.55 -8.10
CA ARG A 210 -4.15 1.93 -8.49
C ARG A 210 -4.10 2.01 -10.02
N ASP A 211 -5.17 2.52 -10.62
CA ASP A 211 -5.16 2.84 -12.05
C ASP A 211 -4.84 4.32 -12.16
N ASN A 212 -3.67 4.65 -12.71
CA ASN A 212 -3.23 6.04 -12.75
C ASN A 212 -3.60 6.72 -14.04
N TRP A 213 -4.32 6.03 -14.92
CA TRP A 213 -4.54 6.45 -16.29
C TRP A 213 -5.99 6.85 -16.53
N LYS A 214 -6.93 5.91 -16.61
CA LYS A 214 -8.31 6.22 -16.92
C LYS A 214 -9.31 5.84 -15.83
N GLY A 215 -8.87 5.28 -14.70
CA GLY A 215 -9.83 4.78 -13.74
C GLY A 215 -9.81 5.40 -12.36
N SER A 216 -10.99 5.73 -11.83
CA SER A 216 -11.09 5.97 -10.41
C SER A 216 -11.72 4.80 -9.68
N ASN A 217 -12.13 3.76 -10.40
CA ASN A 217 -12.32 2.45 -9.80
C ASN A 217 -10.97 1.72 -9.77
N ARG A 218 -10.76 0.89 -8.73
CA ARG A 218 -9.44 0.28 -8.58
C ARG A 218 -9.35 -1.05 -9.34
N PRO A 219 -8.22 -1.30 -9.99
CA PRO A 219 -8.01 -2.62 -10.62
C PRO A 219 -7.88 -3.73 -9.59
N ILE A 220 -8.30 -4.92 -10.01
CA ILE A 220 -8.06 -6.16 -9.28
C ILE A 220 -7.10 -6.98 -10.13
N VAL A 221 -6.08 -7.55 -9.51
CA VAL A 221 -5.21 -8.53 -10.17
C VAL A 221 -5.27 -9.80 -9.33
N ASP A 222 -5.66 -10.90 -9.97
CA ASP A 222 -5.71 -12.20 -9.30
C ASP A 222 -4.57 -13.07 -9.82
N ILE A 223 -3.86 -13.70 -8.90
CA ILE A 223 -2.62 -14.41 -9.16
C ILE A 223 -2.80 -15.86 -8.72
N ASN A 224 -2.72 -16.77 -9.68
CA ASN A 224 -2.72 -18.20 -9.38
C ASN A 224 -1.28 -18.62 -9.09
N ILE A 225 -1.00 -19.06 -7.89
CA ILE A 225 0.34 -19.43 -7.49
C ILE A 225 0.86 -20.72 -8.11
N LYS A 226 -0.03 -21.61 -8.33
CA LYS A 226 0.35 -22.88 -8.88
C LYS A 226 0.69 -22.81 -10.34
N ASP A 227 -0.21 -22.31 -11.17
CA ASP A 227 0.08 -22.29 -12.60
C ASP A 227 0.48 -20.92 -13.12
N HIS A 228 0.69 -19.94 -12.25
CA HIS A 228 1.20 -18.63 -12.63
C HIS A 228 0.25 -17.82 -13.50
N SER A 229 -0.99 -18.27 -13.68
CA SER A 229 -1.91 -17.53 -14.51
C SER A 229 -2.38 -16.26 -13.82
N ILE A 230 -2.74 -15.28 -14.65
CA ILE A 230 -3.14 -13.95 -14.21
C ILE A 230 -4.50 -13.62 -14.83
N VAL A 231 -5.39 -13.03 -14.03
CA VAL A 231 -6.60 -12.42 -14.54
C VAL A 231 -6.76 -11.09 -13.83
N SER A 232 -7.55 -10.19 -14.42
CA SER A 232 -7.65 -8.87 -13.83
C SER A 232 -8.94 -8.20 -14.26
N SER A 233 -9.41 -7.28 -13.43
CA SER A 233 -10.68 -6.61 -13.64
C SER A 233 -10.65 -5.32 -12.81
N TYR A 234 -11.81 -4.83 -12.41
CA TYR A 234 -11.90 -3.68 -11.53
C TYR A 234 -12.92 -3.97 -10.44
N VAL A 235 -12.69 -3.37 -9.27
CA VAL A 235 -13.67 -3.42 -8.20
C VAL A 235 -15.00 -2.89 -8.72
N CYS A 236 -16.04 -3.72 -8.68
CA CYS A 236 -17.31 -3.34 -9.29
C CYS A 236 -17.91 -2.10 -8.63
N SER A 237 -17.91 -2.05 -7.30
CA SER A 237 -18.62 -1.06 -6.48
C SER A 237 -18.78 0.30 -7.15
N GLY A 238 -20.02 0.78 -7.23
CA GLY A 238 -20.30 2.12 -7.72
C GLY A 238 -19.82 3.22 -6.81
N LEU A 239 -19.49 2.89 -5.57
CA LEU A 239 -18.67 3.75 -4.72
C LEU A 239 -17.23 3.37 -4.99
N VAL A 240 -16.48 4.26 -5.64
CA VAL A 240 -15.14 3.93 -6.13
C VAL A 240 -14.11 4.39 -5.10
N GLY A 241 -12.93 3.78 -5.14
CA GLY A 241 -11.97 3.95 -4.05
C GLY A 241 -10.74 4.79 -4.33
N ASP A 242 -10.60 5.29 -5.56
CA ASP A 242 -9.43 6.08 -5.90
C ASP A 242 -9.65 7.54 -5.53
N THR A 243 -8.57 8.30 -5.55
CA THR A 243 -8.57 9.74 -5.42
C THR A 243 -7.60 10.25 -6.47
N PRO A 244 -8.02 11.12 -7.40
CA PRO A 244 -9.36 11.73 -7.47
C PRO A 244 -10.47 10.80 -7.96
N ARG A 245 -11.71 11.29 -7.88
CA ARG A 245 -12.89 10.53 -8.29
C ARG A 245 -14.08 11.50 -8.28
N LYS A 246 -15.21 11.06 -8.82
CA LYS A 246 -16.39 11.88 -8.74
C LYS A 246 -17.06 11.70 -7.38
N ASN A 247 -18.00 12.60 -7.06
CA ASN A 247 -18.71 12.52 -5.79
C ASN A 247 -19.61 11.29 -5.78
N ASP A 248 -20.11 10.95 -4.59
CA ASP A 248 -20.89 9.73 -4.43
C ASP A 248 -22.18 9.79 -5.23
N SER A 249 -22.70 10.99 -5.48
CA SER A 249 -23.97 11.06 -6.20
C SER A 249 -23.81 10.81 -7.69
N SER A 250 -22.67 11.20 -8.27
CA SER A 250 -22.51 11.12 -9.72
C SER A 250 -21.51 10.06 -10.18
N SER A 251 -20.78 9.41 -9.28
CA SER A 251 -19.79 8.44 -9.71
C SER A 251 -20.46 7.16 -10.17
N SER A 252 -19.73 6.39 -10.98
CA SER A 252 -20.15 5.05 -11.39
C SER A 252 -18.91 4.23 -11.70
N SER A 253 -19.12 2.94 -11.98
CA SER A 253 -18.02 2.00 -12.08
C SER A 253 -18.38 0.86 -13.02
N HIS A 254 -17.37 0.10 -13.42
CA HIS A 254 -17.55 -1.12 -14.19
C HIS A 254 -16.76 -2.24 -13.52
N CYS A 255 -17.18 -3.49 -13.75
CA CYS A 255 -16.38 -4.62 -13.30
C CYS A 255 -15.21 -4.93 -14.22
N LEU A 256 -15.28 -4.57 -15.51
CA LEU A 256 -14.25 -5.03 -16.45
C LEU A 256 -13.61 -3.90 -17.23
N ASP A 257 -13.78 -2.65 -16.81
CA ASP A 257 -13.21 -1.52 -17.54
C ASP A 257 -12.96 -0.37 -16.57
N PRO A 258 -11.99 0.49 -16.86
CA PRO A 258 -11.87 1.73 -16.07
C PRO A 258 -13.05 2.64 -16.38
N ASN A 259 -13.52 3.36 -15.37
CA ASN A 259 -14.75 4.13 -15.53
C ASN A 259 -14.51 5.46 -16.20
N ASN A 260 -13.26 5.88 -16.38
CA ASN A 260 -12.96 7.10 -17.11
C ASN A 260 -13.55 8.33 -16.41
N GLU A 261 -13.62 8.29 -15.08
CA GLU A 261 -14.16 9.38 -14.28
C GLU A 261 -13.05 9.91 -13.37
N GLU A 262 -12.50 11.07 -13.70
CA GLU A 262 -11.35 11.58 -12.98
C GLU A 262 -10.29 10.49 -12.89
N GLY A 263 -10.07 9.79 -14.01
CA GLY A 263 -9.23 8.59 -13.97
C GLY A 263 -7.76 8.87 -13.73
N GLY A 264 -7.22 9.94 -14.32
CA GLY A 264 -5.80 10.19 -14.23
C GLY A 264 -5.36 10.45 -12.80
N HIS A 265 -4.09 10.16 -12.53
CA HIS A 265 -3.56 10.21 -11.17
C HIS A 265 -4.30 9.20 -10.30
N GLY A 266 -4.09 9.23 -9.00
CA GLY A 266 -4.63 8.23 -8.10
C GLY A 266 -3.93 8.31 -6.76
N VAL A 267 -4.10 7.27 -5.97
CA VAL A 267 -3.43 7.14 -4.68
C VAL A 267 -3.46 5.66 -4.32
N LYS A 268 -2.37 5.17 -3.73
CA LYS A 268 -2.39 3.78 -3.29
C LYS A 268 -3.55 3.58 -2.31
N GLY A 269 -4.26 2.48 -2.49
CA GLY A 269 -5.39 2.15 -1.65
C GLY A 269 -5.60 0.65 -1.62
N TRP A 270 -6.73 0.20 -1.07
CA TRP A 270 -6.93 -1.22 -0.86
C TRP A 270 -8.43 -1.50 -0.83
N ALA A 271 -8.78 -2.77 -0.99
CA ALA A 271 -10.11 -3.30 -0.75
C ALA A 271 -10.00 -4.82 -0.67
N PHE A 272 -11.03 -5.46 -0.11
CA PHE A 272 -11.07 -6.91 -0.11
C PHE A 272 -12.51 -7.39 -0.07
N ASP A 273 -12.71 -8.57 -0.61
CA ASP A 273 -14.03 -9.13 -0.81
C ASP A 273 -14.48 -9.90 0.42
N ASP A 274 -15.79 -9.95 0.61
CA ASP A 274 -16.42 -10.81 1.60
C ASP A 274 -17.72 -11.25 0.93
N GLY A 275 -17.68 -12.44 0.33
CA GLY A 275 -18.78 -12.84 -0.54
C GLY A 275 -18.92 -11.85 -1.67
N ASN A 276 -20.15 -11.40 -1.92
CA ASN A 276 -20.39 -10.40 -2.94
C ASN A 276 -20.26 -8.96 -2.41
N ASP A 277 -19.99 -8.80 -1.12
CA ASP A 277 -19.74 -7.49 -0.53
C ASP A 277 -18.26 -7.16 -0.62
N VAL A 278 -17.95 -5.87 -0.52
CA VAL A 278 -16.56 -5.41 -0.57
C VAL A 278 -16.31 -4.46 0.60
N TRP A 279 -15.25 -4.72 1.35
CA TRP A 279 -14.71 -3.77 2.30
C TRP A 279 -13.67 -2.92 1.59
N MET A 280 -13.71 -1.61 1.79
CA MET A 280 -12.75 -0.72 1.14
C MET A 280 -12.51 0.50 2.00
N GLY A 281 -11.33 1.09 1.86
CA GLY A 281 -11.08 2.39 2.45
C GLY A 281 -10.86 3.40 1.36
N ARG A 282 -10.99 4.69 1.67
CA ARG A 282 -10.67 5.74 0.71
C ARG A 282 -10.51 7.03 1.48
N THR A 283 -9.86 8.00 0.84
CA THR A 283 -9.88 9.34 1.41
C THR A 283 -11.33 9.84 1.49
N ILE A 284 -11.57 10.80 2.38
CA ILE A 284 -12.93 11.33 2.46
C ILE A 284 -13.17 12.37 1.38
N SER A 285 -12.19 13.24 1.17
CA SER A 285 -12.23 14.13 0.02
C SER A 285 -12.08 13.32 -1.26
N GLU A 286 -12.91 13.63 -2.26
CA GLU A 286 -12.78 12.96 -3.54
C GLU A 286 -11.72 13.59 -4.44
N LYS A 287 -11.20 14.77 -4.11
CA LYS A 287 -10.21 15.46 -4.92
C LYS A 287 -8.80 15.42 -4.33
N SER A 288 -8.68 15.38 -2.99
CA SER A 288 -7.42 15.52 -2.28
C SER A 288 -7.28 14.42 -1.23
N ARG A 289 -6.09 14.34 -0.65
CA ARG A 289 -5.75 13.33 0.35
C ARG A 289 -6.06 13.86 1.76
N LEU A 290 -7.34 14.16 1.92
CA LEU A 290 -7.91 14.63 3.18
C LEU A 290 -8.87 13.60 3.73
N GLY A 291 -8.65 13.22 4.99
CA GLY A 291 -9.54 12.31 5.67
C GLY A 291 -9.39 10.88 5.19
N TYR A 292 -9.90 9.92 5.96
CA TYR A 292 -9.87 8.54 5.54
C TYR A 292 -11.06 7.84 6.20
N GLU A 293 -11.75 7.02 5.42
CA GLU A 293 -12.95 6.34 5.86
C GLU A 293 -12.93 4.91 5.33
N THR A 294 -13.59 4.02 6.05
CA THR A 294 -13.82 2.64 5.61
C THR A 294 -15.31 2.36 5.67
N PHE A 295 -15.73 1.37 4.89
CA PHE A 295 -17.13 0.95 4.91
C PHE A 295 -17.26 -0.30 4.04
N LYS A 296 -18.39 -0.97 4.20
CA LYS A 296 -18.72 -2.15 3.41
C LYS A 296 -19.77 -1.75 2.37
N VAL A 297 -19.55 -2.13 1.12
CA VAL A 297 -20.56 -1.92 0.08
C VAL A 297 -21.25 -3.26 -0.17
N ILE A 298 -22.54 -3.31 0.13
CA ILE A 298 -23.32 -4.53 -0.03
C ILE A 298 -23.43 -4.87 -1.50
N GLU A 299 -23.04 -6.10 -1.86
CA GLU A 299 -22.92 -6.55 -3.24
C GLU A 299 -21.95 -5.69 -4.03
N GLY A 300 -21.08 -4.95 -3.35
CA GLY A 300 -20.15 -4.10 -4.06
C GLY A 300 -19.05 -4.84 -4.79
N TRP A 301 -18.85 -6.13 -4.48
CA TRP A 301 -17.80 -6.90 -5.13
C TRP A 301 -18.26 -7.48 -6.46
N SER A 302 -19.57 -7.61 -6.64
CA SER A 302 -20.11 -8.21 -7.86
C SER A 302 -21.09 -7.33 -8.60
N ASN A 303 -21.63 -6.28 -7.98
CA ASN A 303 -22.65 -5.48 -8.63
C ASN A 303 -22.16 -4.06 -8.86
N PRO A 304 -21.87 -3.66 -10.10
CA PRO A 304 -21.29 -2.33 -10.32
C PRO A 304 -22.30 -1.20 -10.16
N LYS A 305 -23.58 -1.50 -9.99
CA LYS A 305 -24.55 -0.44 -9.74
C LYS A 305 -24.75 -0.16 -8.26
N SER A 306 -24.25 -1.00 -7.37
CA SER A 306 -24.52 -0.82 -5.95
C SER A 306 -23.70 0.33 -5.39
N LYS A 307 -24.39 1.24 -4.71
CA LYS A 307 -23.76 2.24 -3.86
C LYS A 307 -24.25 2.10 -2.42
N LEU A 308 -24.62 0.88 -2.03
CA LEU A 308 -25.28 0.65 -0.75
C LEU A 308 -24.21 0.31 0.29
N GLN A 309 -23.79 1.32 1.03
CA GLN A 309 -22.71 1.14 2.00
C GLN A 309 -23.27 1.03 3.41
N ILE A 310 -22.51 0.37 4.27
CA ILE A 310 -22.89 0.19 5.67
C ILE A 310 -21.60 0.05 6.46
N ASN A 311 -21.71 0.19 7.79
CA ASN A 311 -20.59 0.02 8.69
C ASN A 311 -19.48 1.01 8.40
N ARG A 312 -19.85 2.24 8.05
CA ARG A 312 -18.83 3.25 7.84
C ARG A 312 -18.08 3.53 9.14
N GLN A 313 -16.79 3.80 9.02
CA GLN A 313 -15.99 4.30 10.13
C GLN A 313 -15.09 5.40 9.61
N VAL A 314 -15.06 6.53 10.33
CA VAL A 314 -14.03 7.52 10.05
C VAL A 314 -12.76 7.12 10.78
N ILE A 315 -11.67 7.00 10.02
CA ILE A 315 -10.33 6.78 10.60
C ILE A 315 -9.60 8.09 10.81
N VAL A 316 -9.60 8.96 9.78
CA VAL A 316 -9.02 10.29 9.87
C VAL A 316 -10.07 11.29 9.41
N ASP A 317 -10.40 12.24 10.29
CA ASP A 317 -11.49 13.16 9.98
C ASP A 317 -11.14 14.04 8.79
N ARG A 318 -12.20 14.53 8.12
CA ARG A 318 -12.07 15.22 6.85
C ARG A 318 -11.18 16.46 6.94
N GLY A 319 -10.96 16.99 8.14
CA GLY A 319 -10.11 18.16 8.26
C GLY A 319 -8.62 17.88 8.30
N ASN A 320 -8.20 16.63 8.25
CA ASN A 320 -6.80 16.27 8.44
C ASN A 320 -6.29 15.46 7.26
N ARG A 321 -4.96 15.51 7.08
CA ARG A 321 -4.32 14.91 5.92
C ARG A 321 -4.21 13.41 6.09
N SER A 322 -4.45 12.71 5.00
CA SER A 322 -4.19 11.28 4.92
C SER A 322 -3.10 11.05 3.88
N GLY A 323 -3.24 10.07 3.01
CA GLY A 323 -2.15 9.74 2.11
C GLY A 323 -2.38 8.32 1.64
N TYR A 324 -1.30 7.57 1.47
CA TYR A 324 -1.39 6.17 1.04
C TYR A 324 -2.07 5.30 2.10
N SER A 325 -2.60 4.18 1.65
CA SER A 325 -3.07 3.14 2.56
C SER A 325 -2.91 1.81 1.86
N GLY A 326 -2.75 0.75 2.64
CA GLY A 326 -2.59 -0.56 2.04
C GLY A 326 -2.97 -1.61 3.05
N ILE A 327 -3.15 -2.81 2.53
CA ILE A 327 -3.63 -3.93 3.31
C ILE A 327 -2.44 -4.75 3.79
N PHE A 328 -2.62 -5.44 4.92
CA PHE A 328 -1.77 -6.56 5.28
C PHE A 328 -2.64 -7.60 5.99
N SER A 329 -2.15 -8.83 6.04
CA SER A 329 -2.93 -9.95 6.56
C SER A 329 -2.17 -10.61 7.70
N VAL A 330 -2.91 -11.01 8.73
CA VAL A 330 -2.36 -11.51 9.98
C VAL A 330 -3.03 -12.84 10.26
N GLU A 331 -2.23 -13.88 10.46
CA GLU A 331 -2.79 -15.21 10.67
C GLU A 331 -3.20 -15.35 12.13
N GLY A 332 -4.44 -15.78 12.35
CA GLY A 332 -4.94 -16.08 13.67
C GLY A 332 -5.04 -17.58 13.91
N LYS A 333 -5.52 -17.92 15.11
CA LYS A 333 -5.68 -19.32 15.47
C LYS A 333 -6.49 -20.07 14.42
N SER A 334 -7.62 -19.51 13.98
CA SER A 334 -8.50 -20.21 13.07
C SER A 334 -8.86 -19.48 11.77
N CYS A 335 -8.46 -18.22 11.59
CA CYS A 335 -8.81 -17.50 10.37
C CYS A 335 -7.71 -16.50 10.03
N ILE A 336 -7.72 -16.02 8.77
CA ILE A 336 -6.80 -14.97 8.33
C ILE A 336 -7.48 -13.62 8.47
N ASN A 337 -6.84 -12.70 9.18
CA ASN A 337 -7.41 -11.38 9.41
C ASN A 337 -6.82 -10.37 8.42
N ARG A 338 -7.58 -9.31 8.16
CA ARG A 338 -7.16 -8.25 7.25
C ARG A 338 -7.02 -6.98 8.05
N CYS A 339 -5.90 -6.29 7.86
CA CYS A 339 -5.60 -5.03 8.50
C CYS A 339 -5.21 -4.02 7.44
N PHE A 340 -5.13 -2.75 7.83
CA PHE A 340 -4.65 -1.73 6.90
C PHE A 340 -3.92 -0.63 7.66
N TYR A 341 -2.99 0.04 6.98
CA TYR A 341 -2.33 1.22 7.53
C TYR A 341 -2.78 2.41 6.71
N VAL A 342 -2.62 3.60 7.29
CA VAL A 342 -2.89 4.86 6.58
C VAL A 342 -1.67 5.75 6.79
N GLU A 343 -1.11 6.23 5.68
CA GLU A 343 -0.04 7.20 5.68
C GLU A 343 -0.60 8.59 5.93
N LEU A 344 -0.06 9.29 6.93
CA LEU A 344 -0.51 10.63 7.28
C LEU A 344 0.57 11.62 6.84
N ILE A 345 0.39 12.21 5.66
CA ILE A 345 1.42 13.02 5.01
C ILE A 345 1.36 14.45 5.54
N ARG A 346 2.51 15.00 5.91
CA ARG A 346 2.63 16.39 6.30
C ARG A 346 3.74 17.05 5.49
N GLY A 347 3.58 18.34 5.21
CA GLY A 347 4.64 19.11 4.58
C GLY A 347 4.35 19.45 3.12
N ARG A 348 5.42 19.77 2.40
CA ARG A 348 5.29 20.17 1.00
C ARG A 348 4.68 19.04 0.18
N LYS A 349 3.99 19.41 -0.90
CA LYS A 349 3.80 20.80 -1.32
C LYS A 349 2.53 21.40 -0.72
N GLU A 350 1.63 20.55 -0.21
CA GLU A 350 0.31 21.02 0.21
C GLU A 350 0.40 21.96 1.41
N GLU A 351 1.38 21.79 2.27
CA GLU A 351 1.59 22.67 3.41
C GLU A 351 2.96 23.34 3.23
N THR A 352 2.97 24.64 3.14
CA THR A 352 4.17 25.36 2.87
C THR A 352 4.88 25.96 4.07
N GLU A 353 4.38 25.73 5.25
CA GLU A 353 5.00 26.29 6.44
C GLU A 353 6.39 25.72 6.69
N VAL A 354 6.67 24.53 6.14
CA VAL A 354 7.94 23.85 6.29
C VAL A 354 8.47 23.54 4.90
N LEU A 355 9.75 23.14 4.84
CA LEU A 355 10.42 22.80 3.59
C LEU A 355 10.40 21.31 3.29
N TRP A 356 10.11 20.47 4.27
CA TRP A 356 10.20 19.02 4.14
C TRP A 356 8.84 18.40 3.82
N THR A 357 8.88 17.10 3.53
CA THR A 357 7.71 16.26 3.30
C THR A 357 7.97 14.96 4.03
N SER A 358 7.05 14.56 4.90
CA SER A 358 7.21 13.33 5.66
C SER A 358 5.83 12.82 6.05
N ASN A 359 5.78 11.77 6.86
CA ASN A 359 4.50 11.17 7.24
C ASN A 359 4.63 10.49 8.60
N SER A 360 3.49 10.34 9.26
CA SER A 360 3.35 9.36 10.32
C SER A 360 2.39 8.28 9.83
N ILE A 361 2.07 7.31 10.67
CA ILE A 361 1.12 6.27 10.30
C ILE A 361 0.14 6.02 11.43
N VAL A 362 -1.01 5.46 11.05
CA VAL A 362 -1.98 4.87 11.97
C VAL A 362 -2.43 3.54 11.36
N VAL A 363 -2.77 2.60 12.20
CA VAL A 363 -3.03 1.23 11.77
C VAL A 363 -4.27 0.70 12.49
N PHE A 364 -5.13 0.02 11.72
CA PHE A 364 -6.34 -0.60 12.24
C PHE A 364 -6.37 -2.04 11.77
N CYS A 365 -7.04 -2.90 12.52
CA CYS A 365 -7.19 -4.29 12.11
C CYS A 365 -8.66 -4.68 12.11
N GLY A 366 -9.02 -5.62 11.25
CA GLY A 366 -10.38 -6.14 11.27
C GLY A 366 -10.71 -6.76 12.61
N THR A 367 -11.99 -6.68 12.97
CA THR A 367 -12.45 -7.29 14.20
C THR A 367 -13.79 -7.95 13.97
N SER A 368 -14.02 -9.07 14.65
CA SER A 368 -15.35 -9.66 14.72
C SER A 368 -16.15 -9.15 15.91
N GLY A 369 -15.57 -8.24 16.71
CA GLY A 369 -16.23 -7.67 17.87
C GLY A 369 -16.99 -6.40 17.53
N THR A 370 -17.07 -5.50 18.51
CA THR A 370 -17.71 -4.21 18.34
C THR A 370 -16.70 -3.09 18.57
N TYR A 371 -17.08 -1.87 18.20
CA TYR A 371 -16.16 -0.74 18.21
C TYR A 371 -16.97 0.55 18.16
N GLY A 372 -16.31 1.66 18.52
CA GLY A 372 -16.96 2.96 18.51
C GLY A 372 -16.54 3.88 17.38
N THR A 373 -16.29 5.16 17.73
CA THR A 373 -15.93 6.17 16.74
C THR A 373 -14.76 7.01 17.26
N GLY A 374 -14.13 7.74 16.34
CA GLY A 374 -13.01 8.59 16.72
C GLY A 374 -12.34 9.16 15.48
N SER A 375 -11.21 9.84 15.71
CA SER A 375 -10.36 10.32 14.62
C SER A 375 -8.93 10.29 15.11
N TRP A 376 -8.03 9.72 14.32
CA TRP A 376 -6.64 9.50 14.73
C TRP A 376 -5.71 10.13 13.69
N PRO A 377 -5.65 11.47 13.65
CA PRO A 377 -4.83 12.14 12.63
C PRO A 377 -3.37 12.24 13.04
N ASP A 378 -2.56 12.95 12.25
CA ASP A 378 -1.15 13.07 12.54
C ASP A 378 -0.90 13.76 13.88
N GLY A 379 -1.52 14.93 14.08
CA GLY A 379 -1.44 15.66 15.33
C GLY A 379 -0.26 16.60 15.48
N ALA A 380 0.63 16.73 14.49
CA ALA A 380 1.72 17.67 14.63
C ALA A 380 1.24 19.08 14.29
N ASP A 381 1.73 20.05 15.04
CA ASP A 381 1.43 21.46 14.79
C ASP A 381 2.48 21.99 13.83
N ILE A 382 2.17 21.97 12.56
CA ILE A 382 3.08 22.40 11.52
C ILE A 382 3.63 23.80 11.69
N ASN A 383 2.87 24.64 12.36
CA ASN A 383 3.32 26.02 12.55
C ASN A 383 4.43 26.13 13.58
N LEU A 384 4.64 25.11 14.40
CA LEU A 384 5.66 25.15 15.43
C LEU A 384 6.79 24.18 15.16
N MET A 385 6.77 23.49 14.02
CA MET A 385 7.81 22.52 13.67
C MET A 385 9.09 23.21 13.25
N PRO A 386 10.22 22.50 13.36
CA PRO A 386 11.42 22.95 12.64
C PRO A 386 11.14 23.00 11.14
N ILE A 387 11.76 23.97 10.48
CA ILE A 387 11.46 24.22 9.07
C ILE A 387 12.16 23.24 8.12
C1 NAG B . 21.30 0.11 -18.41
C2 NAG B . 22.02 0.78 -19.59
C3 NAG B . 22.93 -0.21 -20.31
C4 NAG B . 23.82 -0.97 -19.34
C5 NAG B . 22.97 -1.56 -18.22
C6 NAG B . 23.80 -2.25 -17.15
C7 NAG B . 20.62 2.60 -20.45
C8 NAG B . 19.60 3.01 -21.48
N2 NAG B . 21.05 1.34 -20.52
O3 NAG B . 23.75 0.53 -21.21
O4 NAG B . 24.51 -1.99 -20.05
O5 NAG B . 22.23 -0.52 -17.58
O6 NAG B . 24.52 -1.31 -16.36
O7 NAG B . 21.02 3.38 -19.59
C1 NAG B . 25.94 -1.92 -19.84
C2 NAG B . 26.56 -3.26 -20.25
C3 NAG B . 28.09 -3.19 -20.15
C4 NAG B . 28.64 -1.98 -20.89
C5 NAG B . 27.93 -0.72 -20.42
C6 NAG B . 28.35 0.52 -21.16
C7 NAG B . 25.24 -5.29 -19.83
C8 NAG B . 24.86 -6.32 -18.81
N2 NAG B . 26.08 -4.34 -19.40
O3 NAG B . 28.68 -4.39 -20.64
O4 NAG B . 30.02 -1.87 -20.55
O5 NAG B . 26.51 -0.86 -20.62
O6 NAG B . 28.21 0.37 -22.58
O7 NAG B . 24.79 -5.31 -20.97
C1 BMA B . 30.80 -1.67 -21.74
C2 BMA B . 32.08 -0.99 -21.27
C3 BMA B . 33.00 -0.79 -22.43
C4 BMA B . 33.19 -2.12 -23.22
C5 BMA B . 31.81 -2.70 -23.62
C6 BMA B . 31.89 -4.03 -24.36
O2 BMA B . 32.78 -1.85 -20.36
O3 BMA B . 34.23 -0.31 -21.97
O4 BMA B . 33.95 -1.89 -24.37
O5 BMA B . 31.10 -2.90 -22.42
O6 BMA B . 30.70 -4.22 -25.14
C1 MAN B . 34.60 0.86 -22.73
C2 MAN B . 36.02 1.29 -22.30
C3 MAN B . 36.00 1.94 -20.90
C4 MAN B . 34.93 3.03 -20.84
C5 MAN B . 33.59 2.45 -21.19
C6 MAN B . 32.50 3.51 -21.17
O2 MAN B . 36.44 2.30 -23.18
O3 MAN B . 37.25 2.49 -20.55
O4 MAN B . 34.88 3.56 -19.53
O5 MAN B . 33.65 1.90 -22.51
O6 MAN B . 31.25 2.85 -21.19
C1 MAN B . 37.77 2.10 -23.60
C2 MAN B . 38.32 3.35 -24.19
C3 MAN B . 37.53 3.70 -25.44
C4 MAN B . 37.57 2.53 -26.38
C5 MAN B . 37.28 1.21 -25.71
C6 MAN B . 37.88 0.13 -26.56
O2 MAN B . 39.69 3.18 -24.48
O3 MAN B . 38.12 4.83 -26.08
O4 MAN B . 36.58 2.70 -27.34
O5 MAN B . 37.89 1.05 -24.49
O6 MAN B . 36.86 -0.28 -27.44
H1 MAN B . 38.38 1.87 -22.71
H2 MAN B . 38.19 4.16 -23.47
H3 MAN B . 36.50 3.91 -25.18
H4 MAN B . 38.56 2.48 -26.86
H5 MAN B . 36.20 1.06 -25.65
H61 MAN B . 38.73 0.51 -27.12
H62 MAN B . 38.21 -0.71 -25.94
HO2 MAN B . 39.79 2.88 -25.40
HO3 MAN B . 37.91 4.82 -27.02
HO4 MAN B . 35.71 2.59 -26.94
HO6 MAN B . 36.92 0.23 -28.27
C1 MAN B . 40.60 3.60 -23.45
C2 MAN B . 41.90 4.09 -24.05
C3 MAN B . 42.53 3.04 -24.95
C4 MAN B . 42.65 1.74 -24.20
C5 MAN B . 41.33 1.41 -23.52
C6 MAN B . 41.46 0.21 -22.61
O2 MAN B . 42.77 4.34 -22.98
O3 MAN B . 43.81 3.44 -25.39
O4 MAN B . 43.08 0.71 -25.11
O5 MAN B . 40.93 2.46 -22.70
O6 MAN B . 40.25 -0.44 -22.41
H1 MAN B . 40.23 4.41 -22.79
H2 MAN B . 41.72 5.01 -24.62
H3 MAN B . 41.93 2.89 -25.84
H4 MAN B . 43.42 1.86 -23.42
H5 MAN B . 40.56 1.20 -24.27
H61 MAN B . 41.86 0.53 -21.64
H62 MAN B . 42.17 -0.50 -23.04
HO2 MAN B . 43.03 5.27 -22.98
HO3 MAN B . 43.73 4.00 -26.18
HO4 MAN B . 42.99 1.01 -26.02
HO6 MAN B . 39.77 -0.49 -23.24
C1 NAG C . 15.81 24.44 -0.38
C2 NAG C . 16.64 25.69 -0.01
C3 NAG C . 16.43 26.81 -1.03
C4 NAG C . 16.73 26.29 -2.44
C5 NAG C . 15.84 25.09 -2.75
C6 NAG C . 16.13 24.51 -4.11
C7 NAG C . 17.13 26.10 2.36
C8 NAG C . 16.61 26.61 3.67
N2 NAG C . 16.29 26.16 1.32
O3 NAG C . 17.32 27.87 -0.74
O4 NAG C . 16.52 27.32 -3.41
O5 NAG C . 16.07 24.06 -1.78
O6 NAG C . 15.91 23.10 -4.18
O7 NAG C . 18.27 25.64 2.25
NI NI D . -17.87 2.94 -19.37
CA CA E . -6.96 6.94 -11.04
C1 GOL F . 2.81 14.87 -4.80
O1 GOL F . 1.88 13.92 -5.24
C2 GOL F . 2.31 15.37 -3.47
O2 GOL F . 0.97 15.75 -3.58
C3 GOL F . 3.29 16.37 -2.89
O3 GOL F . 2.99 17.72 -3.07
H11 GOL F . 3.80 14.41 -4.68
H12 GOL F . 2.89 15.69 -5.51
HO1 GOL F . 1.39 14.27 -6.01
H2 GOL F . 2.33 14.50 -2.79
HO2 GOL F . 0.44 15.24 -2.95
H31 GOL F . 3.38 16.18 -1.82
H32 GOL F . 4.27 16.17 -3.33
HO3 GOL F . 3.79 18.20 -3.36
C1 E3M G . 3.34 8.94 -5.85
C8 E3M G . 2.87 7.33 -11.23
C2 E3M G . 4.67 9.06 -5.11
C3 E3M G . 5.53 7.84 -5.44
C4 E3M G . 5.64 7.66 -6.95
C9 E3M G . 7.61 6.49 -7.80
C10 E3M G . 8.26 5.16 -8.03
C5 E3M G . 4.26 7.64 -7.62
C6 E3M G . 4.31 7.63 -9.14
C7 E3M G . 2.91 7.41 -9.72
N3 E3M G . 6.90 7.99 -4.84
N4 E3M G . 6.39 6.46 -7.27
OS3 E3M G . 0.96 9.92 -6.09
O9 E3M G . 8.17 7.54 -8.10
O6 E3M G . 4.84 8.87 -9.61
O7 E3M G . 2.40 6.20 -9.17
O8 E3M G . 3.67 6.26 -11.71
O5 E3M G . 3.57 8.85 -7.26
S1 E3M G . 2.21 10.31 -5.53
OS1 E3M G . 2.15 10.46 -4.11
OS2 E3M G . 2.76 11.45 -6.19
H1 E3M G . 2.88 8.12 -5.55
H18 E3M G . 3.21 8.17 -11.62
H19 E3M G . 1.94 7.21 -11.53
H3 E3M G . 4.50 9.10 -4.15
H2 E3M G . 5.13 9.87 -5.39
H4 E3M G . 5.11 7.03 -5.04
H8 E3M G . 6.12 8.44 -7.32
H12 E3M G . 8.46 5.04 -8.97
H10 E3M G . 7.65 4.45 -7.74
H11 E3M G . 9.08 5.10 -7.52
H13 E3M G . 3.74 6.86 -7.30
H14 E3M G . 4.90 6.89 -9.43
H16 E3M G . 2.31 8.14 -9.43
H5 E3M G . 7.29 8.73 -5.17
H6 E3M G . 7.39 7.27 -5.03
H9 E3M G . 6.02 5.68 -7.11
H15 E3M G . 4.89 8.85 -10.45
H17 E3M G . 1.62 6.06 -9.48
H20 E3M G . 3.37 5.53 -11.39
#